data_4DEU
#
_entry.id   4DEU
#
_cell.length_a   43.734
_cell.length_b   85.173
_cell.length_c   65.058
_cell.angle_alpha   90.000
_cell.angle_beta   90.000
_cell.angle_gamma   90.000
#
_symmetry.space_group_name_H-M   'P 21 21 2'
#
loop_
_entity.id
_entity.type
_entity.pdbx_description
1 polymer Transthyretin
2 non-polymer 1,2-ETHANEDIOL
3 non-polymer NARINGENIN
4 non-polymer 'CALCIUM ION'
5 water water
#
_entity_poly.entity_id   1
_entity_poly.type   'polypeptide(L)'
_entity_poly.pdbx_seq_one_letter_code
;ACPLMVKVLDAVRGSPAINVAVHVFRKAADDTWEPFASGKTSESGELHGLTTEEEFVEGIYKVEIDTKSYWKALGISPFH
EHAEVVFTANDSGPRRYTIAALLSPYSYSTTAVVTNP
;
_entity_poly.pdbx_strand_id   A,B
#
# COMPACT_ATOMS: atom_id res chain seq x y z
N ALA A 1 22.44 -10.41 10.69
CA ALA A 1 21.52 -10.01 11.74
C ALA A 1 20.84 -8.64 11.54
N CYS A 2 20.56 -8.29 10.30
CA CYS A 2 19.67 -7.24 10.02
C CYS A 2 18.27 -7.79 9.94
N PRO A 3 17.44 -7.34 10.83
CA PRO A 3 16.11 -7.85 10.97
C PRO A 3 15.06 -7.20 10.02
N LEU A 4 15.43 -6.15 9.34
CA LEU A 4 14.57 -5.53 8.36
C LEU A 4 15.33 -5.10 7.12
N MET A 5 14.91 -5.61 5.98
N MET A 5 14.92 -5.60 5.98
CA MET A 5 15.47 -5.27 4.71
CA MET A 5 15.48 -5.27 4.71
C MET A 5 14.32 -4.90 3.77
C MET A 5 14.33 -4.91 3.76
N VAL A 6 14.50 -3.86 2.96
CA VAL A 6 13.54 -3.52 1.92
C VAL A 6 14.19 -3.58 0.54
N LYS A 7 13.51 -4.20 -0.42
N LYS A 7 13.51 -4.20 -0.42
CA LYS A 7 14.06 -4.39 -1.74
CA LYS A 7 14.05 -4.40 -1.74
C LYS A 7 13.06 -3.90 -2.79
C LYS A 7 13.06 -3.90 -2.79
N VAL A 8 13.51 -3.09 -3.73
CA VAL A 8 12.61 -2.50 -4.70
C VAL A 8 13.06 -2.79 -6.13
N LEU A 9 12.12 -3.28 -6.94
CA LEU A 9 12.37 -3.63 -8.34
C LEU A 9 11.47 -2.87 -9.32
N ASP A 10 12.02 -2.57 -10.49
CA ASP A 10 11.35 -1.82 -11.53
C ASP A 10 10.86 -2.81 -12.63
N ALA A 11 9.53 -2.88 -12.79
CA ALA A 11 8.87 -3.83 -13.69
C ALA A 11 8.83 -3.40 -15.14
N VAL A 12 9.19 -2.16 -15.36
CA VAL A 12 9.30 -1.60 -16.67
C VAL A 12 10.67 -1.95 -17.33
N ARG A 13 11.72 -1.57 -16.64
CA ARG A 13 13.05 -1.88 -17.06
CA ARG A 13 13.08 -1.85 -17.06
C ARG A 13 13.62 -3.23 -16.75
N GLY A 14 13.01 -3.93 -15.82
CA GLY A 14 13.54 -5.20 -15.36
C GLY A 14 14.89 -5.06 -14.67
N SER A 15 14.83 -4.24 -13.66
CA SER A 15 15.99 -3.79 -12.98
C SER A 15 15.69 -3.49 -11.52
N PRO A 16 16.74 -3.41 -10.72
CA PRO A 16 16.56 -2.86 -9.40
C PRO A 16 16.12 -1.41 -9.54
N ALA A 17 15.40 -0.91 -8.55
CA ALA A 17 15.06 0.46 -8.52
C ALA A 17 16.01 1.13 -7.52
N ILE A 18 16.87 1.94 -8.06
N ILE A 18 16.89 1.93 -8.07
CA ILE A 18 17.97 2.50 -7.33
CA ILE A 18 17.97 2.43 -7.29
C ILE A 18 17.64 3.86 -6.80
C ILE A 18 17.65 3.84 -6.81
N ASN A 19 18.22 4.19 -5.67
CA ASN A 19 18.02 5.48 -5.09
CA ASN A 19 18.02 5.51 -5.08
C ASN A 19 16.60 5.90 -4.68
N VAL A 20 15.85 4.89 -4.31
CA VAL A 20 14.53 5.08 -3.85
C VAL A 20 14.54 5.36 -2.36
N ALA A 21 13.94 6.46 -1.97
CA ALA A 21 13.82 6.79 -0.56
C ALA A 21 12.82 5.93 0.16
N VAL A 22 13.18 5.52 1.36
CA VAL A 22 12.34 4.74 2.22
C VAL A 22 12.35 5.29 3.66
N HIS A 23 11.18 5.46 4.24
CA HIS A 23 11.00 5.88 5.61
C HIS A 23 10.23 4.86 6.39
N VAL A 24 10.74 4.56 7.56
CA VAL A 24 10.13 3.60 8.44
C VAL A 24 9.64 4.29 9.73
N PHE A 25 8.45 3.96 10.16
CA PHE A 25 7.83 4.50 11.33
C PHE A 25 7.33 3.38 12.22
N ARG A 26 7.19 3.68 13.51
CA ARG A 26 6.66 2.77 14.53
C ARG A 26 5.50 3.38 15.30
N LYS A 27 4.43 2.63 15.46
CA LYS A 27 3.25 3.21 16.04
C LYS A 27 3.47 3.36 17.51
N ALA A 28 3.24 4.54 18.02
CA ALA A 28 3.52 4.84 19.42
C ALA A 28 2.39 4.46 20.40
N ALA A 29 2.70 4.44 21.69
CA ALA A 29 1.70 3.96 22.62
C ALA A 29 0.52 4.90 22.56
N ASP A 30 0.74 6.12 22.13
CA ASP A 30 -0.33 7.08 22.02
C ASP A 30 -0.96 6.94 20.69
N ASP A 31 -0.52 5.98 19.90
CA ASP A 31 -1.16 5.82 18.59
C ASP A 31 -0.78 6.70 17.39
N THR A 32 0.35 7.37 17.45
CA THR A 32 0.83 8.17 16.34
C THR A 32 2.08 7.52 15.70
N TRP A 33 2.45 7.87 14.49
CA TRP A 33 3.60 7.23 13.85
C TRP A 33 4.92 7.93 14.16
N GLU A 34 5.73 7.36 15.01
CA GLU A 34 7.04 7.88 15.27
C GLU A 34 8.08 7.48 14.20
N PRO A 35 8.94 8.43 13.79
CA PRO A 35 9.97 8.07 12.84
C PRO A 35 10.88 7.06 13.46
N PHE A 36 11.18 5.99 12.74
CA PHE A 36 12.06 4.92 13.23
C PHE A 36 13.38 4.71 12.48
N ALA A 37 13.37 4.91 11.16
CA ALA A 37 14.56 4.73 10.37
C ALA A 37 14.30 5.21 8.96
N SER A 38 15.35 5.56 8.25
CA SER A 38 15.23 5.90 6.88
C SER A 38 16.47 5.61 6.08
N GLY A 39 16.32 5.56 4.78
CA GLY A 39 17.41 5.27 3.92
C GLY A 39 17.05 5.29 2.45
N LYS A 40 18.00 4.98 1.59
CA LYS A 40 17.77 4.88 0.17
C LYS A 40 18.27 3.57 -0.38
N THR A 41 17.57 3.09 -1.40
CA THR A 41 17.93 1.86 -2.08
C THR A 41 19.25 2.03 -2.82
N SER A 42 20.08 1.01 -2.71
CA SER A 42 21.34 0.88 -3.37
C SER A 42 21.20 0.49 -4.83
N GLU A 43 22.35 0.21 -5.44
CA GLU A 43 22.41 -0.13 -6.84
C GLU A 43 21.61 -1.39 -7.02
N SER A 44 21.65 -2.26 -6.01
CA SER A 44 20.99 -3.52 -6.14
C SER A 44 19.52 -3.46 -5.75
N GLY A 45 19.09 -2.27 -5.45
CA GLY A 45 17.72 -2.00 -5.06
C GLY A 45 17.38 -2.37 -3.65
N GLU A 46 18.40 -2.60 -2.85
CA GLU A 46 18.21 -3.03 -1.54
C GLU A 46 18.60 -1.95 -0.52
N LEU A 47 17.91 -1.98 0.60
CA LEU A 47 18.22 -1.13 1.72
C LEU A 47 18.34 -1.97 2.95
N HIS A 48 19.55 -1.96 3.45
CA HIS A 48 19.99 -2.69 4.61
C HIS A 48 20.36 -1.72 5.69
N GLY A 49 20.47 -2.27 6.87
CA GLY A 49 20.98 -1.52 8.02
C GLY A 49 20.05 -0.54 8.67
N LEU A 50 18.77 -0.73 8.47
CA LEU A 50 17.78 0.14 9.03
C LEU A 50 17.71 0.13 10.56
N THR A 51 17.88 -1.06 11.10
CA THR A 51 17.67 -1.33 12.50
C THR A 51 18.49 -2.49 13.02
N THR A 52 18.29 -2.80 14.28
CA THR A 52 18.98 -3.84 14.93
C THR A 52 18.03 -4.73 15.64
N GLU A 53 18.52 -5.88 16.02
CA GLU A 53 17.69 -6.86 16.68
C GLU A 53 17.10 -6.28 17.97
N GLU A 54 17.95 -5.60 18.74
CA GLU A 54 17.55 -5.00 20.01
C GLU A 54 16.52 -3.86 19.91
N GLU A 55 16.72 -2.98 18.94
CA GLU A 55 15.86 -1.84 18.71
C GLU A 55 14.46 -2.23 18.17
N PHE A 56 14.49 -3.26 17.35
CA PHE A 56 13.32 -3.68 16.58
C PHE A 56 12.42 -4.54 17.44
N VAL A 57 11.80 -3.89 18.42
CA VAL A 57 10.87 -4.50 19.37
C VAL A 57 9.47 -4.68 18.78
N GLU A 58 8.67 -5.54 19.41
CA GLU A 58 7.33 -5.79 18.94
C GLU A 58 6.67 -4.47 18.69
N GLY A 59 5.93 -4.39 17.60
CA GLY A 59 5.12 -3.27 17.37
C GLY A 59 4.48 -3.26 16.00
N ILE A 60 3.80 -2.20 15.70
CA ILE A 60 3.30 -2.00 14.36
C ILE A 60 4.19 -0.98 13.65
N TYR A 61 4.64 -1.39 12.48
CA TYR A 61 5.52 -0.62 11.70
C TYR A 61 4.99 -0.27 10.32
N LYS A 62 5.38 0.88 9.84
CA LYS A 62 5.01 1.35 8.52
C LYS A 62 6.28 1.62 7.71
N VAL A 63 6.38 1.03 6.54
CA VAL A 63 7.44 1.32 5.60
C VAL A 63 6.84 2.10 4.42
N GLU A 64 7.30 3.33 4.21
CA GLU A 64 6.79 4.17 3.13
C GLU A 64 7.88 4.26 2.10
N ILE A 65 7.54 3.87 0.89
CA ILE A 65 8.46 3.87 -0.20
C ILE A 65 8.08 4.97 -1.21
N ASP A 66 9.03 5.84 -1.48
CA ASP A 66 8.77 7.03 -2.29
C ASP A 66 8.90 6.68 -3.77
N THR A 67 7.90 5.97 -4.23
CA THR A 67 7.77 5.57 -5.61
C THR A 67 7.55 6.73 -6.56
N LYS A 68 6.83 7.72 -6.07
CA LYS A 68 6.53 8.86 -6.96
C LYS A 68 7.77 9.63 -7.45
N SER A 69 8.69 9.92 -6.56
CA SER A 69 9.91 10.56 -6.92
C SER A 69 10.75 9.68 -7.91
N TYR A 70 10.69 8.38 -7.70
CA TYR A 70 11.43 7.44 -8.54
C TYR A 70 10.92 7.49 -9.97
N TRP A 71 9.63 7.53 -10.12
CA TRP A 71 9.04 7.68 -11.45
C TRP A 71 9.22 9.07 -12.04
N LYS A 72 9.04 10.10 -11.22
N LYS A 72 9.05 10.11 -11.23
CA LYS A 72 9.06 11.46 -11.73
CA LYS A 72 9.07 11.47 -11.74
C LYS A 72 10.41 11.80 -12.37
C LYS A 72 10.42 11.81 -12.37
N ALA A 73 11.43 11.28 -11.69
CA ALA A 73 12.85 11.41 -12.13
C ALA A 73 13.15 10.70 -13.46
N LEU A 74 12.32 9.74 -13.81
CA LEU A 74 12.37 9.08 -15.10
C LEU A 74 11.42 9.72 -16.12
N GLY A 75 10.84 10.84 -15.75
CA GLY A 75 9.96 11.58 -16.60
C GLY A 75 8.47 11.24 -16.53
N ILE A 76 8.14 10.37 -15.62
CA ILE A 76 6.84 9.74 -15.52
C ILE A 76 6.05 10.24 -14.35
N SER A 77 4.80 10.59 -14.63
CA SER A 77 3.85 10.91 -13.61
C SER A 77 2.99 9.66 -13.26
N PRO A 78 3.34 9.02 -12.16
CA PRO A 78 2.75 7.74 -11.77
C PRO A 78 1.42 7.90 -11.04
N PHE A 79 0.69 6.84 -10.90
CA PHE A 79 -0.55 6.92 -10.20
C PHE A 79 -0.38 7.14 -8.68
N HIS A 80 0.44 6.35 -8.06
CA HIS A 80 0.55 6.40 -6.62
C HIS A 80 1.48 7.47 -6.06
N GLU A 81 1.10 8.02 -4.91
CA GLU A 81 1.96 8.96 -4.19
C GLU A 81 3.20 8.22 -3.65
N HIS A 82 2.96 6.99 -3.19
CA HIS A 82 3.93 6.17 -2.56
C HIS A 82 3.44 4.74 -2.47
N ALA A 83 4.28 3.86 -1.94
CA ALA A 83 3.86 2.53 -1.58
C ALA A 83 4.10 2.35 -0.08
N GLU A 84 3.09 1.94 0.66
CA GLU A 84 3.15 1.86 2.10
C GLU A 84 2.92 0.45 2.54
N VAL A 85 3.75 -0.03 3.44
CA VAL A 85 3.58 -1.35 4.01
C VAL A 85 3.41 -1.20 5.50
N VAL A 86 2.30 -1.70 6.01
CA VAL A 86 2.04 -1.66 7.44
C VAL A 86 1.82 -3.04 8.02
N PHE A 87 2.57 -3.33 9.06
CA PHE A 87 2.55 -4.63 9.60
C PHE A 87 2.93 -4.68 11.06
N THR A 88 2.45 -5.70 11.74
CA THR A 88 2.87 -6.05 13.08
C THR A 88 4.08 -6.92 13.00
N ALA A 89 5.07 -6.57 13.80
CA ALA A 89 6.31 -7.24 13.80
C ALA A 89 6.64 -7.84 15.16
N ASN A 90 7.26 -9.00 15.05
CA ASN A 90 7.80 -9.74 16.18
C ASN A 90 6.81 -10.20 17.28
N ASP A 91 5.58 -10.35 16.85
CA ASP A 91 4.49 -10.68 17.69
C ASP A 91 4.65 -12.02 18.36
N SER A 92 5.39 -12.90 17.74
CA SER A 92 5.65 -14.18 18.32
C SER A 92 7.12 -14.42 18.52
N GLY A 93 7.87 -13.37 18.79
CA GLY A 93 9.30 -13.44 18.89
C GLY A 93 9.97 -12.81 17.72
N PRO A 94 11.25 -12.56 17.80
CA PRO A 94 11.96 -11.94 16.72
C PRO A 94 12.01 -12.73 15.40
N ARG A 95 11.80 -12.01 14.30
CA ARG A 95 11.94 -12.54 13.00
C ARG A 95 12.74 -11.59 12.12
N ARG A 96 13.14 -12.07 10.97
CA ARG A 96 13.79 -11.25 10.00
C ARG A 96 12.78 -10.99 8.84
N TYR A 97 12.64 -9.75 8.48
CA TYR A 97 11.64 -9.32 7.50
C TYR A 97 12.30 -8.70 6.28
N THR A 98 11.96 -9.23 5.11
CA THR A 98 12.29 -8.65 3.86
C THR A 98 10.98 -8.11 3.24
N ILE A 99 10.97 -6.83 2.98
N ILE A 99 10.98 -6.85 2.95
CA ILE A 99 9.83 -6.20 2.38
CA ILE A 99 9.85 -6.22 2.34
C ILE A 99 10.28 -5.90 0.96
C ILE A 99 10.29 -5.90 0.95
N ALA A 100 9.63 -6.58 0.02
CA ALA A 100 9.91 -6.42 -1.43
C ALA A 100 8.75 -5.73 -2.18
N ALA A 101 9.10 -4.79 -3.02
CA ALA A 101 8.15 -4.05 -3.80
C ALA A 101 8.54 -4.06 -5.26
N LEU A 102 7.55 -4.32 -6.11
CA LEU A 102 7.74 -4.31 -7.54
C LEU A 102 6.88 -3.18 -8.13
N LEU A 103 7.52 -2.27 -8.81
CA LEU A 103 6.90 -1.07 -9.27
C LEU A 103 6.63 -0.93 -10.77
N SER A 104 5.41 -0.48 -11.05
CA SER A 104 5.03 -0.01 -12.34
C SER A 104 4.31 1.35 -12.19
N PRO A 105 4.22 2.09 -13.26
CA PRO A 105 3.70 3.45 -13.09
C PRO A 105 2.28 3.47 -12.49
N TYR A 106 1.46 2.51 -12.87
CA TYR A 106 0.09 2.44 -12.38
C TYR A 106 -0.23 1.27 -11.45
N SER A 107 0.80 0.56 -10.99
CA SER A 107 0.61 -0.57 -10.15
C SER A 107 1.88 -0.81 -9.30
N TYR A 108 1.65 -1.38 -8.15
CA TYR A 108 2.72 -1.98 -7.36
C TYR A 108 2.19 -3.20 -6.58
N SER A 109 3.14 -4.07 -6.35
CA SER A 109 2.93 -5.25 -5.58
CA SER A 109 2.87 -5.17 -5.55
C SER A 109 3.93 -5.24 -4.45
N THR A 110 3.50 -5.78 -3.34
CA THR A 110 4.39 -5.94 -2.21
C THR A 110 4.27 -7.31 -1.57
N THR A 111 5.44 -7.84 -1.26
N THR A 111 5.42 -7.85 -1.19
CA THR A 111 5.54 -9.17 -0.66
CA THR A 111 5.40 -9.09 -0.58
C THR A 111 6.54 -9.18 0.48
C THR A 111 6.43 -9.01 0.57
N ALA A 112 6.16 -9.83 1.56
CA ALA A 112 7.02 -10.05 2.73
C ALA A 112 7.51 -11.47 2.81
N VAL A 113 8.80 -11.62 3.02
CA VAL A 113 9.39 -12.90 3.31
C VAL A 113 9.88 -12.80 4.76
N VAL A 114 9.36 -13.67 5.58
CA VAL A 114 9.63 -13.61 6.99
C VAL A 114 10.29 -14.91 7.40
N THR A 115 11.45 -14.78 8.00
CA THR A 115 12.15 -15.94 8.41
C THR A 115 12.54 -15.91 9.88
N ASN A 116 12.71 -17.13 10.37
CA ASN A 116 13.08 -17.35 11.75
C ASN A 116 14.56 -17.73 11.78
N PRO A 117 15.43 -16.77 12.08
CA PRO A 117 16.87 -17.02 12.15
C PRO A 117 17.20 -18.27 12.95
N CYS B 2 -20.02 5.98 -11.42
CA CYS B 2 -19.31 6.67 -10.39
C CYS B 2 -17.85 6.99 -10.82
N PRO B 3 -17.28 8.00 -10.26
CA PRO B 3 -15.92 8.35 -10.59
C PRO B 3 -14.88 7.46 -9.92
N LEU B 4 -15.26 6.75 -8.89
CA LEU B 4 -14.36 5.87 -8.17
C LEU B 4 -15.00 4.54 -7.84
N MET B 5 -14.34 3.47 -8.20
N MET B 5 -14.33 3.46 -8.20
CA MET B 5 -14.75 2.14 -7.86
CA MET B 5 -14.75 2.16 -7.86
C MET B 5 -13.55 1.38 -7.29
C MET B 5 -13.55 1.39 -7.28
N VAL B 6 -13.81 0.49 -6.36
CA VAL B 6 -12.76 -0.34 -5.77
C VAL B 6 -13.14 -1.77 -5.94
N LYS B 7 -12.20 -2.60 -6.39
N LYS B 7 -12.20 -2.60 -6.39
CA LYS B 7 -12.53 -3.97 -6.62
CA LYS B 7 -12.53 -3.96 -6.61
C LYS B 7 -11.45 -4.88 -5.99
C LYS B 7 -11.45 -4.88 -5.99
N VAL B 8 -11.85 -5.90 -5.26
CA VAL B 8 -10.91 -6.70 -4.49
C VAL B 8 -11.06 -8.18 -4.81
N LEU B 9 -9.94 -8.84 -5.11
N LEU B 9 -9.94 -8.84 -5.11
CA LEU B 9 -9.92 -10.23 -5.43
CA LEU B 9 -9.92 -10.24 -5.45
C LEU B 9 -9.01 -11.00 -4.44
C LEU B 9 -9.01 -11.01 -4.45
N ASP B 10 -9.28 -12.29 -4.29
CA ASP B 10 -8.63 -13.18 -3.36
C ASP B 10 -7.86 -14.24 -4.17
N ALA B 11 -6.52 -14.21 -4.06
CA ALA B 11 -5.61 -15.07 -4.81
C ALA B 11 -5.47 -16.43 -4.24
N VAL B 12 -5.99 -16.61 -3.03
CA VAL B 12 -5.99 -17.89 -2.43
C VAL B 12 -7.17 -18.77 -2.83
N ARG B 13 -8.34 -18.18 -2.78
CA ARG B 13 -9.55 -18.87 -3.18
C ARG B 13 -9.93 -18.71 -4.64
N GLY B 14 -9.32 -17.79 -5.33
CA GLY B 14 -9.75 -17.59 -6.70
C GLY B 14 -11.18 -17.09 -6.90
N SER B 15 -11.40 -16.01 -6.19
CA SER B 15 -12.69 -15.46 -6.05
C SER B 15 -12.65 -13.99 -5.72
N PRO B 16 -13.80 -13.35 -5.85
CA PRO B 16 -13.88 -11.97 -5.37
C PRO B 16 -13.70 -12.00 -3.88
N ALA B 17 -13.20 -10.92 -3.31
CA ALA B 17 -13.12 -10.84 -1.91
C ALA B 17 -14.36 -10.03 -1.46
N ILE B 18 -15.22 -10.73 -0.79
CA ILE B 18 -16.52 -10.25 -0.40
C ILE B 18 -16.52 -9.73 1.03
N ASN B 19 -17.32 -8.70 1.24
CA ASN B 19 -17.51 -8.10 2.55
C ASN B 19 -16.21 -7.54 3.15
N VAL B 20 -15.34 -7.03 2.28
CA VAL B 20 -14.14 -6.33 2.69
C VAL B 20 -14.46 -4.86 2.92
N ALA B 21 -14.11 -4.38 4.10
CA ALA B 21 -14.28 -3.00 4.42
C ALA B 21 -13.27 -2.10 3.71
N VAL B 22 -13.80 -1.02 3.18
CA VAL B 22 -13.01 -0.04 2.51
C VAL B 22 -13.38 1.36 3.02
N HIS B 23 -12.37 2.11 3.43
CA HIS B 23 -12.48 3.51 3.82
C HIS B 23 -11.69 4.44 2.88
N VAL B 24 -12.30 5.54 2.51
CA VAL B 24 -11.69 6.52 1.68
C VAL B 24 -11.56 7.85 2.42
N PHE B 25 -10.43 8.46 2.23
CA PHE B 25 -10.07 9.69 2.87
C PHE B 25 -9.55 10.71 1.85
N ARG B 26 -9.69 11.98 2.20
CA ARG B 26 -9.15 13.08 1.46
CA ARG B 26 -9.13 13.08 1.45
C ARG B 26 -8.11 13.85 2.29
N LYS B 27 -6.98 14.17 1.74
CA LYS B 27 -6.05 14.88 2.51
C LYS B 27 -6.54 16.30 2.73
N ALA B 28 -6.58 16.68 4.00
CA ALA B 28 -6.88 18.02 4.48
C ALA B 28 -5.76 19.02 4.40
N ALA B 29 -6.09 20.28 4.61
CA ALA B 29 -5.18 21.36 4.40
C ALA B 29 -4.02 21.21 5.36
N ASP B 30 -4.32 20.65 6.50
CA ASP B 30 -3.33 20.48 7.55
C ASP B 30 -2.55 19.16 7.44
N ASP B 31 -2.73 18.46 6.34
CA ASP B 31 -2.02 17.24 6.06
C ASP B 31 -2.49 16.10 6.89
N THR B 32 -3.66 16.25 7.47
CA THR B 32 -4.42 15.14 8.02
C THR B 32 -5.40 14.47 7.02
N TRP B 33 -5.79 13.26 7.34
CA TRP B 33 -6.75 12.53 6.55
C TRP B 33 -8.15 12.66 7.04
N GLU B 34 -8.97 13.33 6.27
CA GLU B 34 -10.34 13.42 6.63
C GLU B 34 -11.11 12.34 5.92
N PRO B 35 -11.80 11.53 6.68
N PRO B 35 -11.77 11.52 6.70
CA PRO B 35 -12.56 10.41 6.15
CA PRO B 35 -12.50 10.38 6.19
C PRO B 35 -13.74 10.94 5.39
C PRO B 35 -13.68 10.89 5.47
N PHE B 36 -14.00 10.37 4.21
N PHE B 36 -13.94 10.38 4.27
CA PHE B 36 -14.78 10.85 3.11
CA PHE B 36 -15.11 10.76 3.59
C PHE B 36 -15.91 9.84 2.73
C PHE B 36 -16.06 9.77 2.90
N ALA B 37 -15.59 8.55 2.53
N ALA B 37 -15.64 8.55 2.62
CA ALA B 37 -16.59 7.61 2.12
CA ALA B 37 -16.60 7.60 2.12
C ALA B 37 -16.16 6.22 2.59
C ALA B 37 -16.17 6.22 2.58
N SER B 38 -17.11 5.30 2.71
CA SER B 38 -16.81 3.93 3.06
C SER B 38 -17.89 2.95 2.65
N GLY B 39 -17.50 1.69 2.65
CA GLY B 39 -18.34 0.61 2.26
C GLY B 39 -17.65 -0.77 2.41
N LYS B 40 -18.43 -1.76 2.03
CA LYS B 40 -17.99 -3.13 1.96
CA LYS B 40 -17.96 -3.10 1.94
C LYS B 40 -18.24 -3.67 0.57
N THR B 41 -17.26 -4.44 0.12
CA THR B 41 -17.35 -5.04 -1.15
C THR B 41 -18.51 -6.07 -1.18
N SER B 42 -19.07 -6.11 -2.36
CA SER B 42 -20.15 -6.95 -2.75
C SER B 42 -19.73 -8.38 -3.06
N GLU B 43 -20.73 -9.15 -3.45
CA GLU B 43 -20.52 -10.52 -3.84
CA GLU B 43 -20.49 -10.51 -3.73
C GLU B 43 -19.60 -10.61 -4.99
N SER B 44 -19.47 -9.55 -5.76
CA SER B 44 -18.59 -9.52 -6.90
C SER B 44 -17.21 -8.84 -6.62
N GLY B 45 -17.03 -8.49 -5.36
CA GLY B 45 -15.84 -7.84 -4.90
C GLY B 45 -15.70 -6.39 -5.18
N GLU B 46 -16.81 -5.78 -5.56
CA GLU B 46 -16.84 -4.43 -6.00
C GLU B 46 -17.54 -3.52 -4.99
N LEU B 47 -17.03 -2.32 -4.96
CA LEU B 47 -17.62 -1.26 -4.19
C LEU B 47 -17.80 -0.04 -5.07
N HIS B 48 -19.07 0.23 -5.29
CA HIS B 48 -19.56 1.32 -6.10
C HIS B 48 -20.19 2.39 -5.22
N GLY B 49 -20.37 3.55 -5.80
CA GLY B 49 -21.11 4.58 -5.13
C GLY B 49 -20.45 5.38 -4.05
N LEU B 50 -19.15 5.40 -4.05
CA LEU B 50 -18.45 6.08 -3.04
C LEU B 50 -18.63 7.58 -3.10
N THR B 51 -18.71 8.12 -4.27
CA THR B 51 -18.63 9.53 -4.43
C THR B 51 -19.34 9.92 -5.71
N THR B 52 -19.41 11.22 -5.94
CA THR B 52 -20.05 11.74 -7.10
C THR B 52 -19.12 12.61 -7.79
N GLU B 53 -19.37 12.92 -9.03
CA GLU B 53 -18.50 13.77 -9.82
C GLU B 53 -18.31 15.12 -9.20
N GLU B 54 -19.36 15.66 -8.62
CA GLU B 54 -19.21 16.94 -7.97
C GLU B 54 -18.29 16.94 -6.77
N GLU B 55 -18.48 15.95 -5.91
CA GLU B 55 -17.73 15.83 -4.76
CA GLU B 55 -17.72 15.82 -4.71
C GLU B 55 -16.27 15.46 -4.99
N PHE B 56 -16.04 14.67 -5.99
CA PHE B 56 -14.72 14.13 -6.24
C PHE B 56 -13.82 15.12 -6.99
N VAL B 57 -13.49 16.19 -6.31
CA VAL B 57 -12.65 17.22 -6.80
C VAL B 57 -11.15 16.84 -6.71
N GLU B 58 -10.31 17.61 -7.31
CA GLU B 58 -8.92 17.34 -7.32
C GLU B 58 -8.47 17.28 -5.87
N GLY B 59 -7.56 16.38 -5.65
CA GLY B 59 -6.89 16.34 -4.37
C GLY B 59 -6.17 15.03 -4.24
N ILE B 60 -5.66 14.82 -3.05
CA ILE B 60 -4.97 13.60 -2.76
C ILE B 60 -5.90 12.75 -1.93
N TYR B 61 -6.12 11.54 -2.36
CA TYR B 61 -7.01 10.61 -1.73
C TYR B 61 -6.30 9.33 -1.26
N LYS B 62 -6.86 8.78 -0.21
CA LYS B 62 -6.43 7.52 0.35
C LYS B 62 -7.55 6.53 0.42
N VAL B 63 -7.29 5.35 -0.15
CA VAL B 63 -8.15 4.22 -0.03
C VAL B 63 -7.53 3.15 0.88
N GLU B 64 -8.21 2.85 1.98
CA GLU B 64 -7.75 1.88 2.93
C GLU B 64 -8.60 0.63 2.91
N ILE B 65 -7.98 -0.48 2.57
CA ILE B 65 -8.68 -1.73 2.48
C ILE B 65 -8.34 -2.63 3.66
N ASP B 66 -9.36 -3.08 4.37
CA ASP B 66 -9.16 -3.84 5.60
C ASP B 66 -8.91 -5.31 5.33
N THR B 67 -7.73 -5.55 4.81
CA THR B 67 -7.32 -6.88 4.46
C THR B 67 -7.22 -7.79 5.66
N LYS B 68 -6.76 -7.23 6.76
CA LYS B 68 -6.55 -8.06 7.92
C LYS B 68 -7.79 -8.71 8.44
N SER B 69 -8.87 -7.96 8.54
CA SER B 69 -10.13 -8.51 8.94
C SER B 69 -10.63 -9.57 7.99
N TYR B 70 -10.38 -9.37 6.71
CA TYR B 70 -10.81 -10.34 5.73
C TYR B 70 -10.11 -11.70 5.95
N TRP B 71 -8.81 -11.68 6.07
CA TRP B 71 -8.10 -12.90 6.33
C TRP B 71 -8.49 -13.51 7.70
N LYS B 72 -8.70 -12.69 8.70
CA LYS B 72 -9.04 -13.22 10.01
C LYS B 72 -10.34 -14.01 9.97
N ALA B 73 -11.25 -13.45 9.22
CA ALA B 73 -12.57 -14.06 8.99
C ALA B 73 -12.50 -15.42 8.28
N LEU B 74 -11.49 -15.61 7.47
CA LEU B 74 -11.24 -16.83 6.78
C LEU B 74 -10.33 -17.79 7.55
N GLY B 75 -9.82 -17.36 8.68
CA GLY B 75 -8.96 -18.20 9.46
C GLY B 75 -7.53 -18.39 9.00
N ILE B 76 -7.08 -17.40 8.31
CA ILE B 76 -5.80 -17.41 7.69
C ILE B 76 -4.95 -16.27 8.26
N SER B 77 -3.72 -16.57 8.65
N SER B 77 -3.74 -16.58 8.63
CA SER B 77 -2.89 -15.53 9.24
CA SER B 77 -2.91 -15.58 9.24
C SER B 77 -2.36 -14.56 8.19
C SER B 77 -2.35 -14.57 8.21
N PRO B 78 -2.59 -13.28 8.41
CA PRO B 78 -2.14 -12.27 7.48
C PRO B 78 -0.89 -11.49 7.92
N PHE B 79 -0.16 -10.94 6.97
CA PHE B 79 1.00 -10.13 7.28
C PHE B 79 0.69 -8.66 7.53
N HIS B 80 -0.05 -8.07 6.60
CA HIS B 80 -0.36 -6.65 6.63
C HIS B 80 -1.50 -6.24 7.55
N GLU B 81 -1.43 -5.05 8.09
CA GLU B 81 -2.51 -4.47 8.83
C GLU B 81 -3.70 -4.13 7.90
N HIS B 82 -3.36 -3.66 6.74
CA HIS B 82 -4.28 -3.24 5.72
C HIS B 82 -3.54 -3.02 4.42
N ALA B 83 -4.27 -2.68 3.35
CA ALA B 83 -3.67 -2.27 2.13
C ALA B 83 -4.15 -0.84 1.86
N GLU B 84 -3.24 0.09 1.64
CA GLU B 84 -3.53 1.48 1.36
C GLU B 84 -3.15 1.85 -0.06
N VAL B 85 -3.99 2.69 -0.66
CA VAL B 85 -3.72 3.25 -1.95
C VAL B 85 -3.85 4.76 -1.80
N VAL B 86 -2.75 5.46 -2.08
CA VAL B 86 -2.73 6.92 -2.03
C VAL B 86 -2.44 7.45 -3.42
N PHE B 87 -3.25 8.40 -3.87
CA PHE B 87 -3.10 8.93 -5.18
C PHE B 87 -3.67 10.33 -5.30
N THR B 88 -3.19 11.07 -6.27
CA THR B 88 -3.72 12.36 -6.62
C THR B 88 -4.73 12.17 -7.71
N ALA B 89 -5.93 12.70 -7.47
CA ALA B 89 -7.03 12.63 -8.40
C ALA B 89 -7.16 13.87 -9.24
N ASN B 90 -7.48 13.60 -10.48
CA ASN B 90 -8.13 14.47 -11.43
C ASN B 90 -7.21 15.53 -11.98
N ASP B 91 -5.93 15.34 -11.80
CA ASP B 91 -4.93 16.35 -12.06
C ASP B 91 -5.02 16.89 -13.49
N SER B 92 -5.49 16.11 -14.40
CA SER B 92 -5.62 16.52 -15.81
C SER B 92 -7.06 16.61 -16.25
N GLY B 93 -7.97 16.82 -15.35
CA GLY B 93 -9.34 16.59 -15.65
C GLY B 93 -9.92 15.45 -14.86
N PRO B 94 -11.23 15.40 -14.83
CA PRO B 94 -11.96 14.27 -14.26
C PRO B 94 -11.72 12.96 -15.00
N ARG B 95 -11.51 11.93 -14.21
CA ARG B 95 -11.39 10.62 -14.75
C ARG B 95 -12.21 9.69 -13.90
N ARG B 96 -12.46 8.50 -14.45
CA ARG B 96 -13.04 7.43 -13.74
C ARG B 96 -11.91 6.50 -13.28
N TYR B 97 -11.89 6.20 -12.01
CA TYR B 97 -10.85 5.41 -11.42
C TYR B 97 -11.39 4.11 -10.91
N THR B 98 -10.75 3.01 -11.33
CA THR B 98 -11.00 1.76 -10.71
C THR B 98 -9.69 1.37 -9.98
N ILE B 99 -9.81 1.14 -8.69
N ILE B 99 -9.81 1.15 -8.69
CA ILE B 99 -8.70 0.68 -7.88
CA ILE B 99 -8.69 0.71 -7.87
C ILE B 99 -8.90 -0.78 -7.62
C ILE B 99 -8.89 -0.77 -7.63
N ALA B 100 -7.99 -1.60 -8.12
CA ALA B 100 -8.14 -3.02 -8.01
C ALA B 100 -7.04 -3.56 -7.14
N ALA B 101 -7.41 -4.42 -6.26
CA ALA B 101 -6.46 -5.09 -5.35
C ALA B 101 -6.55 -6.59 -5.42
N LEU B 102 -5.41 -7.25 -5.51
CA LEU B 102 -5.35 -8.67 -5.49
C LEU B 102 -4.60 -9.08 -4.20
N LEU B 103 -5.26 -9.84 -3.38
CA LEU B 103 -4.86 -10.16 -2.05
C LEU B 103 -4.39 -11.57 -1.88
N SER B 104 -3.20 -11.68 -1.24
CA SER B 104 -2.70 -12.89 -0.67
C SER B 104 -2.30 -12.59 0.81
N PRO B 105 -2.15 -13.63 1.61
CA PRO B 105 -1.95 -13.37 3.02
C PRO B 105 -0.67 -12.57 3.36
N TYR B 106 0.37 -12.85 2.61
CA TYR B 106 1.65 -12.18 2.72
C TYR B 106 2.06 -11.26 1.57
N SER B 107 1.10 -10.92 0.71
CA SER B 107 1.37 -10.12 -0.42
C SER B 107 0.07 -9.45 -0.92
N TYR B 108 0.20 -8.27 -1.44
CA TYR B 108 -0.85 -7.70 -2.24
C TYR B 108 -0.35 -6.84 -3.38
N SER B 109 -1.18 -6.77 -4.42
CA SER B 109 -0.90 -5.94 -5.58
C SER B 109 -2.09 -5.05 -5.92
N THR B 110 -1.83 -3.76 -6.11
CA THR B 110 -2.84 -2.83 -6.50
C THR B 110 -2.55 -2.19 -7.84
N THR B 111 -3.63 -2.00 -8.59
N THR B 111 -3.62 -2.01 -8.59
CA THR B 111 -3.51 -1.39 -9.85
CA THR B 111 -3.50 -1.40 -9.86
C THR B 111 -4.63 -0.43 -10.04
C THR B 111 -4.63 -0.44 -10.05
N ALA B 112 -4.36 0.62 -10.81
CA ALA B 112 -5.40 1.59 -11.19
C ALA B 112 -5.67 1.51 -12.68
N VAL B 113 -6.97 1.48 -13.00
CA VAL B 113 -7.44 1.59 -14.36
C VAL B 113 -8.20 2.91 -14.43
N VAL B 114 -7.66 3.84 -15.17
CA VAL B 114 -8.15 5.17 -15.21
C VAL B 114 -8.60 5.42 -16.63
N THR B 115 -9.88 5.76 -16.77
CA THR B 115 -10.43 5.97 -18.08
C THR B 115 -11.12 7.35 -18.11
N ASN B 116 -11.00 8.05 -19.22
CA ASN B 116 -11.67 9.34 -19.45
C ASN B 116 -12.44 9.25 -20.73
#